data_3U3M
#
_entry.id   3U3M
#
_cell.length_a   72.634
_cell.length_b   122.781
_cell.length_c   44.764
_cell.angle_alpha   90.000
_cell.angle_beta   90.000
_cell.angle_gamma   90.000
#
_symmetry.space_group_name_H-M   'P 21 21 2'
#
loop_
_entity.id
_entity.type
_entity.pdbx_description
1 polymer 'Sulfotransferase 1A1'
2 non-polymer "ADENOSINE-3'-5'-DIPHOSPHATE"
3 non-polymer 7-hydroxy-2-oxo-2H-chromene-3-carbonitrile
4 water water
#
_entity_poly.entity_id   1
_entity_poly.type   'polypeptide(L)'
_entity_poly.pdbx_seq_one_letter_code
;MGSSHHHHHHSSGLVPRGSHMELIQDTSRPPLEYVKGVPLIKYFAEALGPLQSFQARPDDLLISTYPKSGTTWVSQILDM
IYQGGDLEKCHRAPIFMRVPFLEFKAPGIPSGMETLKDTPAPRLLKTHLPLALLPQTLLDQKVKVVYVARNAKDVAVSYY
HFYHMAKVHPEPGTWDSFLEKFMVGEVSYGSWYQHVQEWWELSRTHPVLYLFYEDMKENPKREIQKILEFVGHSLPEETV
DFMVQHTSFKEMKKNPMTNYTTVPQEFMDHSISPFMRKGMAGDWKTTFTVAQNERFDADYAEKMAGCSLSFRSEL
;
_entity_poly.pdbx_strand_id   A
#
loop_
_chem_comp.id
_chem_comp.type
_chem_comp.name
_chem_comp.formula
3QV non-polymer 7-hydroxy-2-oxo-2H-chromene-3-carbonitrile 'C10 H5 N O3'
A3P RNA linking ADENOSINE-3'-5'-DIPHOSPHATE 'C10 H15 N5 O10 P2'
#
# COMPACT_ATOMS: atom_id res chain seq x y z
N THR A 27 -19.28 -19.59 6.23
CA THR A 27 -18.15 -18.58 6.42
C THR A 27 -18.33 -17.28 5.63
N SER A 28 -18.24 -16.16 6.36
CA SER A 28 -18.20 -14.84 5.74
C SER A 28 -16.80 -14.52 5.17
N ARG A 29 -15.77 -15.23 5.61
CA ARG A 29 -14.38 -14.90 5.23
C ARG A 29 -13.95 -15.94 4.21
N PRO A 30 -14.20 -15.61 2.94
CA PRO A 30 -13.94 -16.50 1.84
C PRO A 30 -12.42 -16.72 1.66
N PRO A 31 -12.06 -17.91 1.17
CA PRO A 31 -10.69 -18.30 0.88
C PRO A 31 -10.12 -17.43 -0.23
N LEU A 32 -8.81 -17.19 -0.19
CA LEU A 32 -8.06 -16.61 -1.35
C LEU A 32 -8.26 -17.43 -2.65
N GLU A 33 -8.26 -16.74 -3.78
CA GLU A 33 -8.35 -17.35 -5.10
CA GLU A 33 -8.34 -17.39 -5.08
C GLU A 33 -7.02 -17.09 -5.84
N TYR A 34 -6.37 -18.13 -6.32
CA TYR A 34 -5.07 -17.96 -6.98
C TYR A 34 -5.21 -17.53 -8.44
N VAL A 35 -4.54 -16.45 -8.82
CA VAL A 35 -4.49 -16.12 -10.20
C VAL A 35 -3.04 -16.07 -10.71
N LYS A 36 -2.65 -16.89 -11.69
CA LYS A 36 -1.25 -16.93 -12.20
C LYS A 36 -0.26 -16.92 -11.09
N GLY A 37 -0.52 -17.73 -10.09
CA GLY A 37 0.45 -17.91 -9.07
C GLY A 37 0.26 -16.99 -7.87
N VAL A 38 -0.71 -16.05 -7.93
CA VAL A 38 -0.82 -14.99 -6.92
C VAL A 38 -2.15 -15.24 -6.20
N PRO A 39 -2.10 -15.44 -4.86
CA PRO A 39 -3.32 -15.62 -4.06
C PRO A 39 -3.98 -14.26 -3.87
N LEU A 40 -5.26 -14.13 -4.17
CA LEU A 40 -5.91 -12.80 -4.06
C LEU A 40 -7.23 -12.93 -3.33
N ILE A 41 -7.63 -11.84 -2.67
CA ILE A 41 -9.02 -11.75 -2.23
C ILE A 41 -9.98 -12.16 -3.39
N LYS A 42 -10.98 -12.98 -3.14
CA LYS A 42 -11.86 -13.41 -4.25
C LYS A 42 -12.53 -12.26 -5.06
N TYR A 43 -13.05 -11.23 -4.40
CA TYR A 43 -13.62 -10.11 -5.12
C TYR A 43 -12.61 -9.32 -5.94
N PHE A 44 -11.35 -9.25 -5.51
CA PHE A 44 -10.32 -8.59 -6.28
C PHE A 44 -9.95 -9.41 -7.54
N ALA A 45 -10.01 -10.76 -7.41
CA ALA A 45 -9.79 -11.63 -8.53
C ALA A 45 -10.88 -11.37 -9.59
N GLU A 46 -12.14 -11.24 -9.18
CA GLU A 46 -13.23 -10.95 -10.11
C GLU A 46 -13.01 -9.61 -10.79
N ALA A 47 -12.64 -8.62 -10.01
CA ALA A 47 -12.34 -7.29 -10.49
C ALA A 47 -11.29 -7.27 -11.60
N LEU A 48 -10.42 -8.29 -11.70
CA LEU A 48 -9.40 -8.27 -12.80
C LEU A 48 -10.04 -8.32 -14.21
N GLY A 49 -11.31 -8.78 -14.27
CA GLY A 49 -12.09 -8.87 -15.52
C GLY A 49 -12.32 -7.49 -16.11
N PRO A 50 -13.11 -6.64 -15.41
CA PRO A 50 -13.30 -5.28 -15.95
C PRO A 50 -12.01 -4.50 -16.03
N LEU A 51 -11.09 -4.73 -15.12
CA LEU A 51 -9.80 -4.04 -15.13
C LEU A 51 -9.09 -4.25 -16.44
N GLN A 52 -9.41 -5.31 -17.15
CA GLN A 52 -8.76 -5.62 -18.42
C GLN A 52 -9.01 -4.53 -19.46
N SER A 53 -10.13 -3.82 -19.34
CA SER A 53 -10.44 -2.75 -20.28
CA SER A 53 -10.47 -2.74 -20.26
C SER A 53 -9.83 -1.40 -19.85
N PHE A 54 -9.20 -1.34 -18.69
CA PHE A 54 -8.54 -0.10 -18.23
C PHE A 54 -7.44 0.38 -19.20
N GLN A 55 -7.50 1.67 -19.52
CA GLN A 55 -6.58 2.41 -20.39
CA GLN A 55 -6.44 2.28 -20.29
C GLN A 55 -5.78 3.49 -19.58
N ALA A 56 -4.48 3.36 -19.44
CA ALA A 56 -3.69 4.34 -18.74
C ALA A 56 -3.47 5.57 -19.65
N ARG A 57 -3.34 6.76 -19.04
CA ARG A 57 -2.96 7.98 -19.73
C ARG A 57 -1.50 8.28 -19.38
N PRO A 58 -0.77 8.97 -20.24
CA PRO A 58 0.63 9.29 -19.96
C PRO A 58 0.85 10.13 -18.71
N ASP A 59 -0.17 10.90 -18.30
CA ASP A 59 0.02 11.74 -17.12
C ASP A 59 -0.57 11.07 -15.86
N ASP A 60 -0.93 9.80 -15.93
CA ASP A 60 -1.28 9.08 -14.71
C ASP A 60 -0.05 8.95 -13.81
N LEU A 61 -0.31 8.74 -12.53
CA LEU A 61 0.74 8.30 -11.58
C LEU A 61 0.21 7.14 -10.77
N LEU A 62 1.07 6.14 -10.58
CA LEU A 62 0.67 4.93 -9.89
C LEU A 62 1.44 4.82 -8.59
N ILE A 63 0.66 4.67 -7.53
CA ILE A 63 1.15 4.31 -6.20
C ILE A 63 1.09 2.79 -6.05
N SER A 64 2.26 2.17 -5.84
CA SER A 64 2.40 0.71 -5.85
C SER A 64 3.07 0.32 -4.57
N THR A 65 2.52 -0.67 -3.88
CA THR A 65 3.12 -1.15 -2.63
C THR A 65 2.69 -2.56 -2.37
N TYR A 66 3.51 -3.27 -1.61
CA TYR A 66 3.00 -4.47 -1.00
C TYR A 66 2.07 -4.04 0.12
N PRO A 67 1.01 -4.79 0.44
CA PRO A 67 0.09 -4.22 1.42
C PRO A 67 0.74 -3.83 2.78
N LYS A 68 0.24 -2.77 3.43
CA LYS A 68 0.69 -2.34 4.76
C LYS A 68 2.07 -1.68 4.77
N SER A 69 2.50 -1.17 3.63
CA SER A 69 3.81 -0.54 3.59
C SER A 69 3.78 1.00 3.55
N GLY A 70 2.60 1.61 3.70
CA GLY A 70 2.53 3.10 3.63
C GLY A 70 1.76 3.66 2.43
N THR A 71 0.97 2.80 1.81
CA THR A 71 0.11 3.22 0.73
C THR A 71 -0.71 4.45 1.06
N THR A 72 -1.43 4.39 2.18
CA THR A 72 -2.38 5.46 2.54
C THR A 72 -1.63 6.75 2.88
N TRP A 73 -0.51 6.55 3.55
CA TRP A 73 0.42 7.63 3.82
C TRP A 73 0.84 8.38 2.56
N VAL A 74 1.41 7.64 1.62
CA VAL A 74 1.91 8.28 0.41
C VAL A 74 0.79 8.82 -0.49
N SER A 75 -0.38 8.18 -0.38
CA SER A 75 -1.54 8.65 -1.12
C SER A 75 -1.97 10.03 -0.67
N GLN A 76 -1.92 10.26 0.64
CA GLN A 76 -2.37 11.52 1.20
C GLN A 76 -1.34 12.57 0.82
N ILE A 77 -0.05 12.19 0.87
CA ILE A 77 1.03 13.09 0.46
C ILE A 77 0.89 13.55 -0.98
N LEU A 78 0.73 12.59 -1.90
CA LEU A 78 0.56 12.91 -3.32
C LEU A 78 -0.72 13.70 -3.60
N ASP A 79 -1.86 13.36 -2.96
CA ASP A 79 -3.06 14.16 -3.17
C ASP A 79 -2.94 15.62 -2.65
N MET A 80 -2.25 15.84 -1.54
CA MET A 80 -2.04 17.22 -1.05
C MET A 80 -1.21 17.96 -2.08
N ILE A 81 -0.20 17.32 -2.64
CA ILE A 81 0.63 17.96 -3.66
C ILE A 81 -0.25 18.29 -4.86
N TYR A 82 -1.13 17.37 -5.22
CA TYR A 82 -1.98 17.60 -6.39
C TYR A 82 -2.99 18.74 -6.14
N GLN A 83 -3.33 19.00 -4.87
CA GLN A 83 -4.29 20.05 -4.55
C GLN A 83 -3.52 21.30 -4.19
N GLY A 84 -2.27 21.36 -4.65
CA GLY A 84 -1.34 22.43 -4.29
C GLY A 84 -1.30 22.77 -2.80
N GLY A 85 -1.55 21.80 -1.93
CA GLY A 85 -1.42 21.96 -0.47
C GLY A 85 -2.73 22.36 0.19
N ASP A 86 -3.78 22.52 -0.61
CA ASP A 86 -5.09 22.98 -0.09
C ASP A 86 -5.82 21.82 0.59
N LEU A 87 -5.77 21.83 1.91
CA LEU A 87 -6.40 20.83 2.73
C LEU A 87 -7.92 20.74 2.62
N GLU A 88 -8.60 21.83 2.32
CA GLU A 88 -10.05 21.68 2.12
C GLU A 88 -10.33 20.88 0.82
N LYS A 89 -9.42 20.94 -0.14
CA LYS A 89 -9.65 20.14 -1.34
C LYS A 89 -9.48 18.64 -1.02
N CYS A 90 -8.50 18.34 -0.17
CA CYS A 90 -8.25 16.99 0.27
C CYS A 90 -9.36 16.36 1.11
N HIS A 91 -10.28 17.14 1.62
CA HIS A 91 -11.37 16.59 2.40
CA HIS A 91 -11.41 16.65 2.41
C HIS A 91 -12.63 16.37 1.54
N ARG A 92 -12.45 16.49 0.21
CA ARG A 92 -13.62 16.47 -0.71
C ARG A 92 -14.34 15.12 -0.64
N ALA A 93 -13.58 14.10 -0.19
CA ALA A 93 -13.99 12.67 -0.14
C ALA A 93 -12.91 11.77 0.47
N PRO A 94 -13.29 10.54 0.87
CA PRO A 94 -12.30 9.66 1.51
C PRO A 94 -11.21 9.33 0.55
N ILE A 95 -10.02 8.98 1.06
CA ILE A 95 -8.84 8.81 0.21
C ILE A 95 -9.14 7.69 -0.82
N PHE A 96 -10.02 6.74 -0.45
CA PHE A 96 -10.29 5.62 -1.35
C PHE A 96 -11.10 6.06 -2.59
N MET A 97 -11.74 7.21 -2.50
CA MET A 97 -12.49 7.73 -3.61
CA MET A 97 -12.52 7.78 -3.58
C MET A 97 -11.64 8.74 -4.37
N ARG A 98 -10.68 9.36 -3.71
CA ARG A 98 -9.80 10.33 -4.41
C ARG A 98 -8.68 9.65 -5.16
N VAL A 99 -8.26 8.48 -4.67
CA VAL A 99 -7.20 7.69 -5.28
C VAL A 99 -7.75 6.30 -5.56
N PRO A 100 -8.33 6.08 -6.74
CA PRO A 100 -8.97 4.79 -7.04
C PRO A 100 -8.01 3.60 -6.95
N PHE A 101 -8.54 2.56 -6.30
CA PHE A 101 -7.80 1.35 -6.03
C PHE A 101 -8.13 0.35 -7.17
N LEU A 102 -7.19 0.18 -8.11
CA LEU A 102 -7.47 -0.47 -9.42
C LEU A 102 -8.23 -1.77 -9.33
N GLU A 103 -7.71 -2.67 -8.49
CA GLU A 103 -8.28 -4.03 -8.47
C GLU A 103 -9.43 -4.19 -7.44
N PHE A 104 -9.87 -3.10 -6.84
CA PHE A 104 -10.66 -3.21 -5.67
C PHE A 104 -12.08 -3.57 -6.06
N LYS A 105 -12.75 -4.41 -5.25
CA LYS A 105 -14.22 -4.64 -5.33
C LYS A 105 -14.66 -5.34 -4.04
N ALA A 106 -15.90 -5.11 -3.61
CA ALA A 106 -16.49 -5.77 -2.46
C ALA A 106 -18.00 -5.53 -2.52
N PRO A 107 -18.82 -6.43 -1.93
CA PRO A 107 -20.29 -6.37 -2.10
C PRO A 107 -20.84 -5.09 -1.49
N GLY A 108 -21.72 -4.41 -2.24
CA GLY A 108 -22.32 -3.14 -1.76
C GLY A 108 -21.32 -1.97 -1.62
N ILE A 109 -20.12 -2.14 -2.21
CA ILE A 109 -19.16 -1.04 -2.39
C ILE A 109 -18.76 -0.87 -3.88
N PRO A 110 -18.75 0.38 -4.37
CA PRO A 110 -18.28 0.59 -5.76
C PRO A 110 -16.84 0.09 -5.99
N SER A 111 -16.64 -0.60 -7.09
CA SER A 111 -15.36 -1.12 -7.51
C SER A 111 -14.39 0.02 -7.79
N GLY A 112 -13.09 -0.26 -7.69
CA GLY A 112 -12.06 0.69 -8.13
C GLY A 112 -12.33 1.16 -9.54
N MET A 113 -12.68 0.25 -10.45
CA MET A 113 -13.01 0.63 -11.82
C MET A 113 -14.20 1.58 -11.97
N GLU A 114 -15.26 1.38 -11.19
CA GLU A 114 -16.41 2.29 -11.19
C GLU A 114 -16.03 3.70 -10.69
N THR A 115 -15.25 3.75 -9.60
CA THR A 115 -14.77 5.02 -9.05
C THR A 115 -13.89 5.74 -10.04
N LEU A 116 -13.05 4.99 -10.77
CA LEU A 116 -12.09 5.59 -11.70
C LEU A 116 -12.73 6.43 -12.80
N LYS A 117 -13.93 6.04 -13.21
CA LYS A 117 -14.58 6.77 -14.32
C LYS A 117 -15.02 8.22 -13.96
N ASP A 118 -15.21 8.51 -12.67
CA ASP A 118 -15.47 9.88 -12.22
C ASP A 118 -14.22 10.63 -11.69
N THR A 119 -13.02 10.14 -12.02
CA THR A 119 -11.77 10.69 -11.46
C THR A 119 -11.14 11.59 -12.52
N PRO A 120 -10.99 12.88 -12.22
CA PRO A 120 -10.36 13.79 -13.19
C PRO A 120 -8.83 13.65 -13.25
N ALA A 121 -8.28 13.85 -14.46
CA ALA A 121 -6.84 13.88 -14.68
C ALA A 121 -6.24 15.21 -14.13
N PRO A 122 -4.94 15.25 -13.77
CA PRO A 122 -4.11 14.03 -13.73
C PRO A 122 -4.56 13.07 -12.60
N ARG A 123 -4.60 11.77 -12.88
CA ARG A 123 -5.12 10.83 -11.89
C ARG A 123 -4.01 10.19 -11.05
N LEU A 124 -4.29 9.98 -9.77
CA LEU A 124 -3.49 9.12 -8.88
C LEU A 124 -4.23 7.77 -8.74
N LEU A 125 -3.48 6.69 -8.84
CA LEU A 125 -4.08 5.35 -8.88
C LEU A 125 -3.32 4.48 -7.90
N LYS A 126 -4.06 3.62 -7.25
CA LYS A 126 -3.42 2.75 -6.29
C LYS A 126 -3.53 1.29 -6.72
N THR A 127 -2.45 0.55 -6.46
CA THR A 127 -2.46 -0.89 -6.62
C THR A 127 -1.47 -1.61 -5.66
N HIS A 128 -1.73 -2.90 -5.38
CA HIS A 128 -0.75 -3.81 -4.76
C HIS A 128 -0.44 -4.95 -5.69
N LEU A 129 -0.88 -4.89 -6.96
CA LEU A 129 -0.66 -6.04 -7.83
C LEU A 129 0.82 -6.32 -8.12
N PRO A 130 1.22 -7.59 -8.00
CA PRO A 130 2.54 -7.97 -8.56
C PRO A 130 2.53 -7.71 -10.09
N LEU A 131 3.73 -7.57 -10.62
CA LEU A 131 3.98 -7.29 -12.00
C LEU A 131 3.35 -8.31 -12.92
N ALA A 132 3.26 -9.56 -12.48
CA ALA A 132 2.63 -10.56 -13.33
C ALA A 132 1.11 -10.34 -13.52
N LEU A 133 0.47 -9.51 -12.71
CA LEU A 133 -0.96 -9.16 -12.92
C LEU A 133 -1.18 -7.67 -13.32
N LEU A 134 -0.10 -6.88 -13.36
CA LEU A 134 -0.24 -5.43 -13.61
C LEU A 134 -0.69 -5.15 -15.07
N PRO A 135 -1.75 -4.33 -15.25
CA PRO A 135 -2.18 -3.98 -16.60
C PRO A 135 -0.99 -3.42 -17.38
N GLN A 136 -0.70 -4.07 -18.52
CA GLN A 136 0.44 -3.76 -19.36
C GLN A 136 0.40 -2.26 -19.81
N THR A 137 -0.83 -1.74 -19.96
CA THR A 137 -1.01 -0.32 -20.33
C THR A 137 -0.22 0.63 -19.46
N LEU A 138 -0.07 0.32 -18.17
CA LEU A 138 0.68 1.19 -17.28
C LEU A 138 2.17 1.25 -17.62
N LEU A 139 2.73 0.15 -18.09
CA LEU A 139 4.15 0.14 -18.47
C LEU A 139 4.32 0.69 -19.85
N ASP A 140 3.38 0.40 -20.76
CA ASP A 140 3.46 0.88 -22.14
C ASP A 140 3.44 2.42 -22.19
N GLN A 141 2.52 3.00 -21.42
CA GLN A 141 2.35 4.41 -21.32
C GLN A 141 3.46 5.07 -20.50
N LYS A 142 4.35 4.29 -19.89
CA LYS A 142 5.49 4.84 -19.13
C LYS A 142 5.02 5.69 -17.93
N VAL A 143 3.95 5.22 -17.30
CA VAL A 143 3.37 5.91 -16.19
C VAL A 143 4.42 5.97 -15.06
N LYS A 144 4.62 7.15 -14.51
CA LYS A 144 5.43 7.32 -13.28
C LYS A 144 4.90 6.49 -12.13
N VAL A 145 5.84 5.81 -11.46
CA VAL A 145 5.49 4.96 -10.34
C VAL A 145 6.07 5.48 -9.03
N VAL A 146 5.23 5.68 -8.01
CA VAL A 146 5.81 5.92 -6.67
C VAL A 146 5.68 4.62 -5.92
N TYR A 147 6.81 3.96 -5.67
CA TYR A 147 6.77 2.67 -4.96
C TYR A 147 7.21 2.86 -3.51
N VAL A 148 6.53 2.25 -2.55
CA VAL A 148 6.99 2.37 -1.12
C VAL A 148 7.24 1.00 -0.57
N ALA A 149 8.44 0.77 -0.07
CA ALA A 149 8.74 -0.47 0.61
C ALA A 149 8.90 -0.26 2.13
N ARG A 150 8.58 -1.27 2.93
CA ARG A 150 8.71 -1.21 4.39
C ARG A 150 9.37 -2.52 4.86
N ASN A 151 10.09 -2.52 5.97
CA ASN A 151 10.72 -3.79 6.42
C ASN A 151 9.72 -4.92 6.69
N ALA A 152 10.14 -6.16 6.41
CA ALA A 152 9.19 -7.26 6.30
C ALA A 152 8.52 -7.60 7.62
N LYS A 153 9.27 -7.41 8.70
CA LYS A 153 8.77 -7.71 10.03
C LYS A 153 7.62 -6.79 10.44
N ASP A 154 7.79 -5.49 10.20
CA ASP A 154 6.71 -4.54 10.47
C ASP A 154 5.51 -4.77 9.57
N VAL A 155 5.81 -5.06 8.30
CA VAL A 155 4.75 -5.38 7.33
C VAL A 155 3.92 -6.53 7.87
N ALA A 156 4.60 -7.61 8.27
CA ALA A 156 3.92 -8.81 8.73
C ALA A 156 2.96 -8.58 9.89
N VAL A 157 3.43 -7.83 10.91
CA VAL A 157 2.66 -7.53 12.11
C VAL A 157 1.50 -6.66 11.73
N SER A 158 1.79 -5.59 10.98
CA SER A 158 0.72 -4.75 10.47
C SER A 158 -0.43 -5.53 9.72
N TYR A 159 0.01 -6.45 8.87
CA TYR A 159 -0.89 -7.25 8.08
C TYR A 159 -1.78 -8.22 8.91
N TYR A 160 -1.16 -8.85 9.90
CA TYR A 160 -1.87 -9.72 10.81
C TYR A 160 -3.01 -8.98 11.45
N HIS A 161 -2.75 -7.81 12.03
CA HIS A 161 -3.85 -7.02 12.55
C HIS A 161 -4.89 -6.58 11.47
N PHE A 162 -4.40 -6.16 10.32
CA PHE A 162 -5.28 -5.79 9.24
C PHE A 162 -6.20 -6.93 8.87
N TYR A 163 -5.65 -8.14 8.73
CA TYR A 163 -6.52 -9.28 8.46
C TYR A 163 -7.70 -9.36 9.43
N HIS A 164 -7.52 -9.00 10.72
CA HIS A 164 -8.59 -9.20 11.70
C HIS A 164 -9.69 -8.21 11.44
N MET A 165 -9.34 -6.94 11.23
CA MET A 165 -10.35 -5.91 11.11
C MET A 165 -11.00 -5.81 9.71
N ALA A 166 -10.28 -6.23 8.66
CA ALA A 166 -10.74 -6.12 7.30
C ALA A 166 -11.34 -7.46 6.82
N LYS A 167 -12.68 -7.56 6.94
CA LYS A 167 -13.36 -8.82 6.95
C LYS A 167 -13.41 -9.50 5.56
N VAL A 168 -12.96 -8.87 4.49
CA VAL A 168 -12.89 -9.62 3.23
C VAL A 168 -11.72 -10.65 3.24
N HIS A 169 -10.81 -10.58 4.20
CA HIS A 169 -9.67 -11.50 4.20
C HIS A 169 -10.14 -12.82 4.79
N PRO A 170 -9.42 -13.94 4.55
CA PRO A 170 -9.74 -15.16 5.31
C PRO A 170 -9.33 -14.94 6.77
N GLU A 171 -9.81 -15.79 7.67
CA GLU A 171 -9.34 -15.86 9.09
C GLU A 171 -7.82 -15.87 9.15
N PRO A 172 -7.22 -14.99 9.98
CA PRO A 172 -5.74 -14.93 10.07
C PRO A 172 -5.15 -16.08 10.85
N GLY A 173 -5.97 -16.70 11.71
CA GLY A 173 -5.46 -17.68 12.69
C GLY A 173 -4.67 -17.05 13.86
N THR A 174 -3.80 -17.85 14.48
CA THR A 174 -2.90 -17.32 15.49
C THR A 174 -1.75 -16.54 14.77
N TRP A 175 -1.18 -15.52 15.43
CA TRP A 175 0.04 -14.85 14.98
C TRP A 175 1.14 -15.83 14.45
N ASP A 176 1.38 -16.91 15.17
CA ASP A 176 2.35 -17.88 14.69
C ASP A 176 2.02 -18.56 13.37
N SER A 177 0.76 -18.91 13.16
N SER A 177 0.76 -18.94 13.18
CA SER A 177 0.38 -19.54 11.89
CA SER A 177 0.36 -19.51 11.91
C SER A 177 0.21 -18.51 10.73
C SER A 177 0.47 -18.43 10.80
N PHE A 178 -0.11 -17.26 11.04
CA PHE A 178 -0.10 -16.24 10.05
C PHE A 178 1.37 -15.90 9.65
N LEU A 179 2.24 -15.78 10.64
CA LEU A 179 3.63 -15.46 10.29
C LEU A 179 4.22 -16.58 9.38
N GLU A 180 3.88 -17.86 9.62
CA GLU A 180 4.37 -18.93 8.72
C GLU A 180 3.81 -18.79 7.30
N LYS A 181 2.54 -18.41 7.18
CA LYS A 181 1.98 -18.21 5.85
C LYS A 181 2.68 -17.05 5.16
N PHE A 182 2.98 -15.97 5.88
CA PHE A 182 3.59 -14.78 5.33
C PHE A 182 4.98 -15.13 4.75
N MET A 183 5.72 -15.98 5.42
CA MET A 183 7.05 -16.34 4.95
CA MET A 183 7.06 -16.36 4.95
C MET A 183 6.99 -17.17 3.65
N VAL A 184 5.88 -17.90 3.40
CA VAL A 184 5.75 -18.62 2.08
C VAL A 184 4.87 -17.85 1.08
N GLY A 185 4.48 -16.62 1.41
CA GLY A 185 3.61 -15.93 0.48
C GLY A 185 2.20 -16.46 0.38
N GLU A 186 1.74 -17.17 1.40
N GLU A 186 1.69 -17.14 1.43
CA GLU A 186 0.40 -17.67 1.30
CA GLU A 186 0.31 -17.68 1.38
C GLU A 186 -0.54 -16.70 2.05
C GLU A 186 -0.78 -16.71 1.76
N VAL A 187 -0.51 -15.43 1.60
CA VAL A 187 -1.39 -14.36 2.08
C VAL A 187 -1.82 -13.61 0.85
N SER A 188 -2.88 -12.84 1.03
CA SER A 188 -3.39 -11.96 0.01
C SER A 188 -2.26 -11.15 -0.70
N TYR A 189 -2.23 -11.23 -2.04
CA TYR A 189 -1.17 -10.66 -2.88
C TYR A 189 0.19 -11.38 -2.88
N GLY A 190 0.30 -12.49 -2.16
CA GLY A 190 1.50 -13.33 -2.18
C GLY A 190 2.72 -12.83 -1.40
N SER A 191 3.89 -13.11 -1.96
CA SER A 191 5.16 -12.93 -1.31
C SER A 191 5.62 -11.47 -1.27
N TRP A 192 5.86 -10.96 -0.06
CA TRP A 192 6.56 -9.70 0.16
C TRP A 192 7.95 -9.68 -0.55
N TYR A 193 8.72 -10.76 -0.45
CA TYR A 193 10.10 -10.86 -0.89
C TYR A 193 10.15 -10.64 -2.38
N GLN A 194 9.16 -11.21 -3.10
CA GLN A 194 9.16 -11.07 -4.58
C GLN A 194 8.66 -9.71 -5.00
N HIS A 195 7.64 -9.22 -4.30
CA HIS A 195 7.09 -7.91 -4.60
C HIS A 195 8.18 -6.78 -4.55
N VAL A 196 8.90 -6.68 -3.45
CA VAL A 196 9.86 -5.58 -3.30
C VAL A 196 11.08 -5.72 -4.24
N GLN A 197 11.46 -6.95 -4.52
CA GLN A 197 12.55 -7.20 -5.46
C GLN A 197 12.18 -6.87 -6.92
N GLU A 198 11.00 -7.34 -7.35
CA GLU A 198 10.60 -7.18 -8.78
C GLU A 198 10.42 -5.70 -9.12
N TRP A 199 9.84 -4.95 -8.19
CA TRP A 199 9.66 -3.56 -8.44
C TRP A 199 10.98 -2.78 -8.26
N TRP A 200 11.91 -3.30 -7.47
CA TRP A 200 13.25 -2.73 -7.38
C TRP A 200 13.99 -2.91 -8.74
N GLU A 201 13.95 -4.10 -9.29
CA GLU A 201 14.49 -4.38 -10.59
C GLU A 201 13.82 -3.53 -11.73
N LEU A 202 12.48 -3.43 -11.73
CA LEU A 202 11.73 -2.58 -12.67
C LEU A 202 12.24 -1.12 -12.72
N SER A 203 12.67 -0.59 -11.58
CA SER A 203 13.10 0.78 -11.45
C SER A 203 14.34 1.07 -12.33
N ARG A 204 15.03 0.04 -12.82
CA ARG A 204 16.13 0.40 -13.71
C ARG A 204 15.75 0.53 -15.16
N THR A 205 14.49 0.26 -15.50
CA THR A 205 14.04 0.46 -16.86
C THR A 205 12.72 1.20 -17.04
N HIS A 206 12.18 1.79 -15.97
CA HIS A 206 10.85 2.43 -16.02
C HIS A 206 10.93 3.56 -14.97
N PRO A 207 10.19 4.68 -15.12
CA PRO A 207 10.36 5.72 -14.05
C PRO A 207 9.66 5.38 -12.72
N VAL A 208 10.49 4.97 -11.75
CA VAL A 208 10.02 4.55 -10.44
C VAL A 208 10.79 5.33 -9.41
N LEU A 209 10.05 5.97 -8.54
CA LEU A 209 10.68 6.52 -7.33
C LEU A 209 10.44 5.48 -6.21
N TYR A 210 11.53 4.99 -5.69
CA TYR A 210 11.47 3.87 -4.76
C TYR A 210 11.76 4.35 -3.35
N LEU A 211 10.72 4.44 -2.51
CA LEU A 211 10.84 4.93 -1.15
C LEU A 211 10.78 3.83 -0.10
N PHE A 212 11.28 4.15 1.10
CA PHE A 212 11.15 3.33 2.32
C PHE A 212 10.38 4.05 3.39
N TYR A 213 9.35 3.38 3.87
CA TYR A 213 8.57 3.81 4.97
C TYR A 213 9.46 4.34 6.13
N GLU A 214 10.51 3.60 6.47
CA GLU A 214 11.48 4.01 7.51
C GLU A 214 12.11 5.40 7.26
N ASP A 215 12.45 5.69 6.00
CA ASP A 215 13.01 7.04 5.61
C ASP A 215 11.98 8.12 5.82
N MET A 216 10.74 7.80 5.50
CA MET A 216 9.67 8.72 5.74
C MET A 216 9.44 8.91 7.25
N LYS A 217 9.52 7.84 8.04
CA LYS A 217 9.45 7.99 9.49
C LYS A 217 10.59 8.86 9.99
N GLU A 218 11.82 8.53 9.57
CA GLU A 218 13.00 9.30 9.97
C GLU A 218 12.91 10.80 9.64
N ASN A 219 12.56 11.11 8.40
CA ASN A 219 12.66 12.48 7.90
C ASN A 219 11.60 12.77 6.84
N PRO A 220 10.36 13.02 7.30
CA PRO A 220 9.23 13.16 6.39
C PRO A 220 9.43 14.28 5.36
N LYS A 221 9.97 15.42 5.80
CA LYS A 221 10.18 16.56 4.95
C LYS A 221 11.13 16.19 3.79
N ARG A 222 12.17 15.44 4.10
CA ARG A 222 13.13 15.07 3.07
C ARG A 222 12.39 14.25 2.04
N GLU A 223 11.51 13.36 2.49
CA GLU A 223 10.88 12.44 1.54
C GLU A 223 9.88 13.14 0.68
N ILE A 224 9.16 14.06 1.29
CA ILE A 224 8.23 14.83 0.52
C ILE A 224 9.02 15.62 -0.53
N GLN A 225 10.18 16.18 -0.20
CA GLN A 225 10.92 16.92 -1.23
C GLN A 225 11.34 16.02 -2.37
N LYS A 226 11.72 14.79 -2.08
CA LYS A 226 11.97 13.83 -3.15
C LYS A 226 10.73 13.59 -4.08
N ILE A 227 9.57 13.42 -3.47
CA ILE A 227 8.32 13.19 -4.22
C ILE A 227 8.03 14.38 -5.14
N LEU A 228 8.12 15.58 -4.56
CA LEU A 228 7.99 16.86 -5.29
C LEU A 228 8.90 16.94 -6.50
N GLU A 229 10.21 16.74 -6.33
CA GLU A 229 11.14 16.72 -7.45
CA GLU A 229 11.11 16.75 -7.47
C GLU A 229 10.70 15.64 -8.45
N PHE A 230 10.25 14.49 -7.95
CA PHE A 230 9.87 13.41 -8.88
C PHE A 230 8.63 13.72 -9.76
N VAL A 231 7.62 14.32 -9.16
CA VAL A 231 6.46 14.67 -9.98
C VAL A 231 6.60 16.02 -10.71
N GLY A 232 7.73 16.70 -10.55
CA GLY A 232 8.07 17.88 -11.33
C GLY A 232 7.38 19.16 -10.84
N HIS A 233 6.93 19.15 -9.59
CA HIS A 233 6.19 20.28 -9.01
C HIS A 233 7.16 21.06 -8.19
N SER A 234 6.73 22.24 -7.76
CA SER A 234 7.49 23.08 -6.84
C SER A 234 6.51 23.69 -5.87
N LEU A 235 6.89 23.72 -4.60
CA LEU A 235 6.03 24.36 -3.62
C LEU A 235 6.90 25.12 -2.63
N PRO A 236 6.38 26.24 -2.09
CA PRO A 236 7.21 26.97 -1.12
C PRO A 236 7.41 26.17 0.21
N GLU A 237 8.54 26.44 0.88
CA GLU A 237 8.91 25.81 2.15
C GLU A 237 7.73 25.74 3.12
N GLU A 238 6.97 26.82 3.23
CA GLU A 238 5.87 26.87 4.17
C GLU A 238 4.75 25.86 3.84
N THR A 239 4.48 25.70 2.55
CA THR A 239 3.49 24.76 2.08
C THR A 239 3.96 23.33 2.33
N VAL A 240 5.24 23.08 2.07
CA VAL A 240 5.86 21.82 2.40
C VAL A 240 5.73 21.48 3.93
N ASP A 241 6.13 22.42 4.79
CA ASP A 241 5.95 22.26 6.21
C ASP A 241 4.48 22.02 6.61
N PHE A 242 3.54 22.66 5.93
CA PHE A 242 2.13 22.41 6.19
C PHE A 242 1.71 20.96 5.80
N MET A 243 2.30 20.45 4.71
CA MET A 243 2.06 19.05 4.30
C MET A 243 2.63 17.99 5.29
N VAL A 244 3.82 18.25 5.84
CA VAL A 244 4.44 17.38 6.79
C VAL A 244 3.48 17.26 7.96
N GLN A 245 2.94 18.38 8.41
CA GLN A 245 1.98 18.34 9.50
C GLN A 245 0.74 17.51 9.18
N HIS A 246 0.18 17.68 8.00
CA HIS A 246 -1.11 17.05 7.75
C HIS A 246 -1.06 15.61 7.24
N THR A 247 0.18 15.17 7.01
CA THR A 247 0.49 13.80 6.67
C THR A 247 1.18 13.03 7.82
N SER A 248 1.28 13.62 9.03
CA SER A 248 1.79 12.94 10.20
C SER A 248 0.82 11.83 10.62
N PHE A 249 1.32 10.78 11.27
CA PHE A 249 0.45 9.76 11.77
C PHE A 249 -0.78 10.30 12.51
N LYS A 250 -0.52 11.21 13.45
CA LYS A 250 -1.54 11.76 14.40
C LYS A 250 -2.63 12.49 13.63
N GLU A 251 -2.22 13.31 12.66
CA GLU A 251 -3.22 14.05 11.86
C GLU A 251 -4.00 13.08 10.99
N MET A 252 -3.31 12.10 10.40
CA MET A 252 -4.00 11.14 9.56
C MET A 252 -4.94 10.21 10.30
N LYS A 253 -4.62 9.90 11.57
CA LYS A 253 -5.47 9.09 12.46
C LYS A 253 -6.81 9.72 12.81
N LYS A 254 -6.87 11.05 12.95
CA LYS A 254 -8.14 11.70 13.32
C LYS A 254 -8.96 12.28 12.15
N ASN A 255 -8.31 12.37 11.00
CA ASN A 255 -8.93 12.78 9.72
C ASN A 255 -9.88 11.71 9.17
N PRO A 256 -11.22 11.97 9.19
CA PRO A 256 -12.09 10.86 8.77
C PRO A 256 -11.96 10.54 7.27
N MET A 257 -11.32 11.45 6.53
CA MET A 257 -11.05 11.26 5.10
C MET A 257 -9.78 10.45 4.81
N THR A 258 -9.01 10.11 5.84
CA THR A 258 -7.91 9.19 5.59
C THR A 258 -7.96 7.99 6.49
N ASN A 259 -8.86 7.95 7.46
CA ASN A 259 -8.67 6.92 8.50
C ASN A 259 -9.54 5.66 8.33
N TYR A 260 -10.28 5.65 7.23
CA TYR A 260 -11.18 4.56 6.85
C TYR A 260 -12.34 4.34 7.83
N THR A 261 -12.60 5.27 8.75
CA THR A 261 -13.73 5.09 9.67
C THR A 261 -15.13 5.20 9.03
N THR A 262 -15.23 5.75 7.81
CA THR A 262 -16.57 5.91 7.18
C THR A 262 -17.06 4.69 6.37
N VAL A 263 -16.20 3.68 6.17
CA VAL A 263 -16.59 2.45 5.46
C VAL A 263 -17.53 1.62 6.34
N PRO A 264 -18.39 0.78 5.72
CA PRO A 264 -19.40 0.02 6.55
C PRO A 264 -18.71 -0.89 7.56
N GLN A 265 -19.22 -0.99 8.78
CA GLN A 265 -18.60 -1.88 9.78
C GLN A 265 -18.60 -3.39 9.40
N GLU A 266 -19.48 -3.78 8.46
CA GLU A 266 -19.45 -5.12 7.81
C GLU A 266 -18.19 -5.34 6.98
N PHE A 267 -17.51 -4.27 6.60
CA PHE A 267 -16.37 -4.42 5.74
C PHE A 267 -15.08 -4.18 6.54
N MET A 268 -15.05 -3.14 7.37
CA MET A 268 -13.96 -2.93 8.31
C MET A 268 -14.50 -2.59 9.68
N ASP A 269 -14.05 -3.34 10.70
CA ASP A 269 -14.45 -3.07 12.09
C ASP A 269 -13.27 -2.57 12.92
N HIS A 270 -13.27 -1.27 13.17
CA HIS A 270 -12.21 -0.56 13.89
C HIS A 270 -12.10 -0.88 15.37
N SER A 271 -13.19 -1.34 15.99
CA SER A 271 -13.14 -1.81 17.37
C SER A 271 -12.31 -3.08 17.43
N ILE A 272 -12.18 -3.83 16.35
CA ILE A 272 -11.23 -4.93 16.34
C ILE A 272 -9.74 -4.47 16.21
N SER A 273 -9.46 -3.66 15.22
CA SER A 273 -8.14 -3.03 15.16
C SER A 273 -8.33 -1.79 14.27
N PRO A 274 -7.84 -0.63 14.73
CA PRO A 274 -7.97 0.54 13.87
C PRO A 274 -7.12 0.37 12.62
N PHE A 275 -7.50 1.01 11.49
CA PHE A 275 -6.69 0.99 10.32
C PHE A 275 -5.38 1.75 10.59
N MET A 276 -5.50 2.92 11.21
CA MET A 276 -4.34 3.75 11.55
C MET A 276 -3.91 3.23 12.93
N ARG A 277 -3.03 2.23 12.94
CA ARG A 277 -2.94 1.43 14.14
C ARG A 277 -1.88 2.00 15.05
N LYS A 278 -0.60 2.00 14.66
CA LYS A 278 0.49 2.55 15.51
C LYS A 278 1.40 3.50 14.76
N GLY A 279 1.71 3.20 13.52
CA GLY A 279 2.51 4.10 12.75
C GLY A 279 3.98 4.17 13.07
N MET A 280 4.51 3.09 13.65
N MET A 280 4.54 3.11 13.65
CA MET A 280 5.88 3.07 14.11
CA MET A 280 5.92 3.15 14.08
C MET A 280 6.74 2.24 13.14
C MET A 280 6.81 2.13 13.38
N ALA A 281 8.03 2.56 13.08
CA ALA A 281 9.06 1.63 12.60
C ALA A 281 9.64 0.97 13.89
N GLY A 282 9.86 -0.35 13.88
CA GLY A 282 10.51 -1.06 14.98
C GLY A 282 9.61 -1.74 16.01
N ASP A 283 8.30 -1.57 15.92
CA ASP A 283 7.43 -2.16 16.94
C ASP A 283 7.18 -3.64 16.70
N TRP A 284 7.65 -4.21 15.59
CA TRP A 284 7.55 -5.67 15.43
C TRP A 284 8.20 -6.37 16.64
N LYS A 285 9.18 -5.72 17.29
CA LYS A 285 9.97 -6.36 18.39
C LYS A 285 9.08 -6.81 19.54
N THR A 286 7.90 -6.24 19.59
CA THR A 286 6.97 -6.44 20.68
C THR A 286 5.99 -7.58 20.42
N THR A 287 6.05 -8.12 19.21
CA THR A 287 5.19 -9.23 18.75
C THR A 287 5.97 -10.50 18.40
N PHE A 288 7.11 -10.38 17.71
CA PHE A 288 7.92 -11.51 17.27
C PHE A 288 8.46 -12.10 18.55
N THR A 289 8.38 -13.42 18.70
CA THR A 289 9.11 -14.07 19.81
C THR A 289 10.57 -14.22 19.31
N VAL A 290 11.45 -14.56 20.21
CA VAL A 290 12.87 -14.81 19.82
C VAL A 290 13.02 -15.99 18.84
N ALA A 291 12.25 -17.07 19.05
CA ALA A 291 12.27 -18.25 18.16
C ALA A 291 11.79 -17.82 16.76
N GLN A 292 10.70 -17.07 16.67
CA GLN A 292 10.18 -16.59 15.39
C GLN A 292 11.20 -15.73 14.73
N ASN A 293 11.84 -14.88 15.50
CA ASN A 293 12.83 -13.97 14.93
C ASN A 293 14.00 -14.73 14.33
N GLU A 294 14.45 -15.79 14.99
CA GLU A 294 15.63 -16.50 14.50
C GLU A 294 15.31 -17.26 13.23
N ARG A 295 14.08 -17.80 13.14
CA ARG A 295 13.65 -18.58 11.98
C ARG A 295 13.39 -17.64 10.77
N PHE A 296 12.66 -16.56 11.03
CA PHE A 296 12.52 -15.48 10.06
C PHE A 296 13.82 -14.90 9.51
N ASP A 297 14.78 -14.58 10.39
CA ASP A 297 16.07 -14.05 9.89
C ASP A 297 16.79 -15.02 8.95
N ALA A 298 16.81 -16.32 9.27
CA ALA A 298 17.55 -17.31 8.49
C ALA A 298 16.94 -17.43 7.10
N ASP A 299 15.60 -17.50 7.07
CA ASP A 299 14.82 -17.56 5.83
C ASP A 299 14.97 -16.28 4.98
N TYR A 300 14.88 -15.12 5.63
CA TYR A 300 15.06 -13.85 5.02
C TYR A 300 16.45 -13.77 4.32
N ALA A 301 17.53 -14.17 4.97
CA ALA A 301 18.85 -14.08 4.32
C ALA A 301 18.89 -14.94 3.06
N GLU A 302 18.25 -16.11 3.08
CA GLU A 302 18.17 -16.90 1.85
C GLU A 302 17.41 -16.15 0.74
N LYS A 303 16.21 -15.62 1.05
CA LYS A 303 15.36 -15.05 0.01
C LYS A 303 15.93 -13.76 -0.57
N MET A 304 16.67 -13.01 0.23
CA MET A 304 17.14 -11.70 -0.15
C MET A 304 18.64 -11.70 -0.50
N ALA A 305 19.27 -12.86 -0.63
CA ALA A 305 20.75 -12.91 -0.86
C ALA A 305 21.26 -12.21 -2.11
N GLY A 306 20.55 -12.37 -3.22
CA GLY A 306 20.98 -11.71 -4.48
C GLY A 306 20.48 -10.28 -4.69
N CYS A 307 19.82 -9.74 -3.68
CA CYS A 307 19.24 -8.43 -3.83
C CYS A 307 20.08 -7.31 -3.18
N SER A 308 20.20 -6.18 -3.86
CA SER A 308 21.04 -5.08 -3.39
C SER A 308 20.26 -4.08 -2.49
N LEU A 309 18.93 -4.24 -2.36
CA LEU A 309 18.15 -3.61 -1.25
C LEU A 309 18.72 -3.84 0.17
N SER A 310 18.82 -2.76 0.95
CA SER A 310 19.08 -2.85 2.40
C SER A 310 17.90 -2.19 3.13
N PHE A 311 17.16 -2.97 3.93
CA PHE A 311 16.08 -2.42 4.78
C PHE A 311 16.59 -2.14 6.17
N ARG A 312 15.97 -1.14 6.81
CA ARG A 312 16.14 -0.90 8.22
C ARG A 312 14.94 -1.50 9.00
N SER A 313 15.22 -2.27 10.03
CA SER A 313 14.15 -2.86 10.86
CA SER A 313 14.18 -2.88 10.89
C SER A 313 13.73 -1.94 12.03
N GLU A 314 14.49 -0.86 12.24
CA GLU A 314 14.21 0.06 13.33
C GLU A 314 14.97 1.34 13.10
N LEU A 315 14.57 2.40 13.78
CA LEU A 315 15.25 3.69 13.74
C LEU A 315 16.04 3.98 15.05
P1 A3P B . 0.75 -0.03 11.38
O1P A3P B . -0.37 -1.05 11.33
O2P A3P B . 0.30 1.07 12.32
O3P A3P B . 2.20 -0.42 11.50
P2 A3P B . -1.29 0.74 4.02
O4P A3P B . -2.44 -0.22 4.33
O5P A3P B . -1.79 2.16 3.96
O6P A3P B . -0.21 0.38 3.05
O5' A3P B . -0.36 0.90 5.33
C5' A3P B . -0.87 0.73 6.66
C4' A3P B . 0.19 1.18 7.68
O4' A3P B . 0.63 2.55 7.50
C3' A3P B . -0.36 1.07 9.11
O3' A3P B . 0.79 0.63 9.88
C2' A3P B . -0.76 2.53 9.35
O2' A3P B . -0.89 2.83 10.74
C1' A3P B . 0.42 3.27 8.72
N9 A3P B . 0.22 4.71 8.47
C8 A3P B . -0.87 5.32 7.92
N7 A3P B . -0.65 6.65 7.84
C5 A3P B . 0.61 6.85 8.39
C6 A3P B . 1.38 8.00 8.65
N6 A3P B . 0.94 9.25 8.33
N1 A3P B . 2.61 7.85 9.27
C2 A3P B . 3.09 6.63 9.63
N3 A3P B . 2.35 5.54 9.40
C4 A3P B . 1.12 5.64 8.77
C1 3QV C . -5.89 -2.49 0.79
N1 3QV C . -12.12 -5.73 3.20
O1 3QV C . -4.85 -1.71 0.39
C2 3QV C . -5.82 -3.86 0.72
O2 3QV C . -11.38 -2.34 3.00
C3 3QV C . -6.87 -4.66 1.11
O3 3QV C . -9.29 -2.06 2.16
C4 3QV C . -8.04 -4.12 1.60
C5 3QV C . -9.09 -4.94 2.00
C6 3QV C . -10.23 -4.34 2.47
C7 3QV C . -11.23 -5.08 2.86
C8 3QV C . -10.32 -2.86 2.56
C9 3QV C . -8.14 -2.64 1.69
C10 3QV C . -7.05 -1.87 1.27
#